data_3C4R
#
_entry.id   3C4R
#
_cell.length_a   36.826
_cell.length_b   106.570
_cell.length_c   88.251
_cell.angle_alpha   90.00
_cell.angle_beta   96.42
_cell.angle_gamma   90.00
#
_symmetry.space_group_name_H-M   'P 1 21 1'
#
loop_
_entity.id
_entity.type
_entity.pdbx_description
1 polymer 'Uncharacterized protein'
2 water water
#
_entity_poly.entity_id   1
_entity_poly.type   'polypeptide(L)'
_entity_poly.pdbx_seq_one_letter_code
;(MSE)SLKIKHEHIR(MSE)A(MSE)NAWAHPDGEKVPAAEITRAYFELG(MSE)TFPELYDDSHPEALARNTQKIFRWV
EKDTPDAVEKIQALLPAIEKS(MSE)PPLLVAR(MSE)RSHSSAYFRELVETRERLVRDADDFVAVAIAGFNQ(MSE)NR
GGPAGNIVAVHEGHHHHHH
;
_entity_poly.pdbx_strand_id   A,B,C,D
#
# COMPACT_ATOMS: atom_id res chain seq x y z
N LYS A 4 -22.64 11.24 19.83
CA LYS A 4 -21.33 10.65 19.41
C LYS A 4 -20.66 11.47 18.29
N ILE A 5 -21.38 11.75 17.21
CA ILE A 5 -20.79 12.53 16.11
C ILE A 5 -21.38 13.93 16.03
N LYS A 6 -20.54 14.94 16.24
CA LYS A 6 -20.96 16.35 16.22
C LYS A 6 -21.43 16.83 14.86
N HIS A 7 -22.55 17.56 14.85
CA HIS A 7 -23.12 18.06 13.61
C HIS A 7 -22.08 18.76 12.75
N GLU A 8 -21.20 19.54 13.36
CA GLU A 8 -20.19 20.26 12.60
C GLU A 8 -19.21 19.35 11.84
N HIS A 9 -19.00 18.15 12.37
CA HIS A 9 -18.11 17.19 11.75
C HIS A 9 -18.80 16.41 10.65
N ILE A 10 -20.12 16.29 10.76
CA ILE A 10 -20.89 15.60 9.74
C ILE A 10 -20.93 16.55 8.55
N ARG A 11 -21.02 17.86 8.82
CA ARG A 11 -21.06 18.86 7.77
C ARG A 11 -19.76 18.84 6.94
N MSE A 12 -18.61 18.79 7.61
CA MSE A 12 -17.33 18.75 6.89
C MSE A 12 -17.26 17.58 5.91
O MSE A 12 -16.89 17.77 4.75
CB MSE A 12 -16.16 18.65 7.86
CG MSE A 12 -15.75 19.97 8.45
SE MSE A 12 -14.72 19.73 10.06
CE MSE A 12 -13.53 18.34 9.44
N ALA A 13 -17.61 16.37 6.35
CA ALA A 13 -17.58 15.21 5.47
C ALA A 13 -18.64 15.33 4.37
N MSE A 14 -19.82 15.82 4.72
CA MSE A 14 -20.87 15.99 3.75
C MSE A 14 -20.38 16.94 2.68
O MSE A 14 -20.45 16.63 1.49
CB MSE A 14 -22.14 16.55 4.40
CG MSE A 14 -22.94 15.51 5.21
SE MSE A 14 -23.71 14.08 4.11
CE MSE A 14 -25.05 15.09 3.15
N ASN A 15 -19.85 18.09 3.06
CA ASN A 15 -19.38 19.01 2.01
C ASN A 15 -18.26 18.37 1.20
N ALA A 16 -17.35 17.67 1.86
CA ALA A 16 -16.26 17.05 1.12
C ALA A 16 -16.81 16.05 0.10
N TRP A 17 -17.86 15.34 0.46
CA TRP A 17 -18.46 14.35 -0.42
C TRP A 17 -19.18 15.06 -1.56
N ALA A 18 -19.52 16.32 -1.34
CA ALA A 18 -20.25 17.11 -2.32
C ALA A 18 -19.37 17.81 -3.35
N HIS A 19 -18.22 18.31 -2.90
CA HIS A 19 -17.30 19.04 -3.77
C HIS A 19 -16.98 18.42 -5.14
N PRO A 20 -16.59 17.13 -5.18
CA PRO A 20 -16.28 16.52 -6.48
C PRO A 20 -17.34 16.75 -7.58
N ASP A 21 -18.50 16.12 -7.45
CA ASP A 21 -19.57 16.23 -8.45
C ASP A 21 -20.87 16.89 -7.99
N GLY A 22 -20.78 17.75 -6.97
CA GLY A 22 -21.95 18.43 -6.47
C GLY A 22 -22.77 17.67 -5.44
N GLU A 23 -23.72 18.37 -4.84
CA GLU A 23 -24.59 17.82 -3.80
C GLU A 23 -25.55 16.72 -4.23
N LYS A 24 -25.79 16.61 -5.54
CA LYS A 24 -26.69 15.60 -6.07
C LYS A 24 -26.21 14.18 -5.82
N VAL A 25 -24.89 14.00 -5.71
CA VAL A 25 -24.32 12.68 -5.50
C VAL A 25 -24.64 12.16 -4.09
N PRO A 26 -24.27 12.93 -3.06
CA PRO A 26 -24.56 12.50 -1.69
C PRO A 26 -26.04 12.17 -1.49
N ALA A 27 -26.90 13.11 -1.90
CA ALA A 27 -28.33 12.97 -1.76
C ALA A 27 -28.86 11.75 -2.51
N ALA A 28 -28.38 11.56 -3.73
CA ALA A 28 -28.82 10.40 -4.50
C ALA A 28 -28.43 9.15 -3.74
N GLU A 29 -27.25 9.19 -3.16
CA GLU A 29 -26.72 8.06 -2.40
C GLU A 29 -27.38 7.87 -1.04
N ILE A 30 -27.49 8.96 -0.28
CA ILE A 30 -28.10 8.85 1.03
C ILE A 30 -29.55 8.41 0.88
N THR A 31 -30.23 8.92 -0.15
CA THR A 31 -31.63 8.59 -0.41
C THR A 31 -31.80 7.10 -0.63
N ARG A 32 -30.93 6.52 -1.45
CA ARG A 32 -31.01 5.08 -1.73
C ARG A 32 -30.88 4.22 -0.48
N ALA A 33 -29.93 4.57 0.40
CA ALA A 33 -29.71 3.80 1.62
C ALA A 33 -30.88 3.96 2.56
N TYR A 34 -31.45 5.17 2.56
CA TYR A 34 -32.58 5.53 3.38
C TYR A 34 -33.71 4.52 3.18
N PHE A 35 -34.05 4.27 1.91
CA PHE A 35 -35.11 3.32 1.57
C PHE A 35 -34.71 1.85 1.69
N GLU A 36 -33.43 1.53 1.59
CA GLU A 36 -33.00 0.16 1.73
C GLU A 36 -33.19 -0.25 3.19
N LEU A 37 -32.79 0.64 4.11
CA LEU A 37 -32.91 0.38 5.53
C LEU A 37 -34.37 0.51 5.99
N GLY A 38 -35.21 1.00 5.07
CA GLY A 38 -36.61 1.17 5.39
C GLY A 38 -36.85 2.20 6.46
N MSE A 39 -36.35 3.41 6.22
CA MSE A 39 -36.50 4.51 7.18
C MSE A 39 -37.68 5.40 6.87
O MSE A 39 -38.18 5.41 5.75
CB MSE A 39 -35.23 5.35 7.19
CG MSE A 39 -34.10 4.72 7.98
SE MSE A 39 -32.47 5.63 7.63
CE MSE A 39 -32.92 7.37 8.30
N THR A 40 -38.09 6.19 7.86
CA THR A 40 -39.25 7.05 7.71
C THR A 40 -39.08 8.49 8.27
N PHE A 41 -37.96 8.74 8.92
CA PHE A 41 -37.68 10.05 9.52
C PHE A 41 -36.22 10.43 9.33
N PRO A 42 -35.96 11.65 8.85
CA PRO A 42 -36.98 12.63 8.51
C PRO A 42 -37.69 12.16 7.23
N GLU A 43 -38.50 13.01 6.63
CA GLU A 43 -39.21 12.64 5.42
C GLU A 43 -38.34 12.86 4.18
N LEU A 44 -38.28 11.85 3.34
CA LEU A 44 -37.53 11.91 2.10
C LEU A 44 -38.48 11.39 1.01
N TYR A 45 -38.52 12.07 -0.13
CA TYR A 45 -39.41 11.68 -1.23
C TYR A 45 -38.90 10.50 -2.02
N ASP A 46 -39.76 9.48 -2.17
CA ASP A 46 -39.41 8.28 -2.92
C ASP A 46 -39.57 8.54 -4.42
N ASP A 47 -38.99 7.66 -5.24
CA ASP A 47 -39.04 7.78 -6.69
C ASP A 47 -40.42 8.04 -7.30
N SER A 48 -41.49 7.59 -6.65
CA SER A 48 -42.83 7.82 -7.16
C SER A 48 -43.18 9.29 -6.96
N HIS A 49 -42.15 10.14 -7.00
CA HIS A 49 -42.29 11.58 -6.86
C HIS A 49 -41.51 12.21 -8.00
N PRO A 50 -42.12 13.20 -8.67
CA PRO A 50 -41.51 13.89 -9.79
C PRO A 50 -40.11 14.45 -9.58
N GLU A 51 -40.03 15.54 -8.84
CA GLU A 51 -38.76 16.23 -8.59
C GLU A 51 -37.97 15.65 -7.40
N ALA A 52 -38.32 14.45 -6.97
CA ALA A 52 -37.68 13.78 -5.84
C ALA A 52 -36.25 14.21 -5.54
N LEU A 53 -35.29 13.65 -6.28
CA LEU A 53 -33.88 13.96 -6.10
C LEU A 53 -33.57 15.44 -5.85
N ALA A 54 -34.10 16.31 -6.71
CA ALA A 54 -33.84 17.75 -6.55
C ALA A 54 -34.37 18.24 -5.21
N ARG A 55 -35.52 17.71 -4.81
CA ARG A 55 -36.16 18.08 -3.56
C ARG A 55 -35.44 17.52 -2.33
N ASN A 56 -34.96 16.29 -2.44
CA ASN A 56 -34.24 15.66 -1.35
C ASN A 56 -32.89 16.38 -1.16
N THR A 57 -32.30 16.84 -2.26
CA THR A 57 -31.02 17.52 -2.18
C THR A 57 -31.13 18.85 -1.44
N GLN A 58 -32.15 19.64 -1.76
CA GLN A 58 -32.31 20.91 -1.08
C GLN A 58 -32.60 20.65 0.40
N LYS A 59 -33.49 19.71 0.68
CA LYS A 59 -33.82 19.35 2.05
C LYS A 59 -32.55 19.04 2.88
N ILE A 60 -31.85 17.99 2.46
CA ILE A 60 -30.63 17.51 3.11
C ILE A 60 -29.55 18.56 3.37
N PHE A 61 -29.07 19.25 2.34
CA PHE A 61 -28.03 20.22 2.61
C PHE A 61 -28.49 21.47 3.33
N ARG A 62 -29.80 21.64 3.46
CA ARG A 62 -30.34 22.78 4.18
C ARG A 62 -30.12 22.51 5.67
N TRP A 63 -30.29 21.25 6.07
CA TRP A 63 -30.04 20.88 7.45
C TRP A 63 -28.52 20.89 7.73
N VAL A 64 -27.72 20.49 6.74
CA VAL A 64 -26.27 20.46 6.89
C VAL A 64 -25.69 21.85 7.21
N GLU A 65 -26.22 22.86 6.53
CA GLU A 65 -25.78 24.25 6.70
C GLU A 65 -26.09 24.88 8.05
N LYS A 66 -27.22 24.49 8.65
CA LYS A 66 -27.65 25.06 9.91
C LYS A 66 -27.13 24.37 11.18
N ASP A 67 -27.38 25.05 12.30
CA ASP A 67 -26.98 24.53 13.60
C ASP A 67 -28.11 24.54 14.61
N THR A 68 -29.35 24.62 14.15
CA THR A 68 -30.50 24.62 15.06
C THR A 68 -30.87 23.20 15.49
N PRO A 69 -31.61 23.08 16.61
CA PRO A 69 -32.01 21.77 17.12
C PRO A 69 -32.70 20.89 16.07
N ASP A 70 -33.53 21.52 15.26
CA ASP A 70 -34.28 20.84 14.21
C ASP A 70 -33.35 20.24 13.15
N ALA A 71 -32.46 21.08 12.63
CA ALA A 71 -31.50 20.62 11.62
C ALA A 71 -30.63 19.51 12.21
N VAL A 72 -30.11 19.74 13.41
CA VAL A 72 -29.26 18.77 14.06
C VAL A 72 -29.93 17.43 14.30
N GLU A 73 -31.16 17.42 14.79
CA GLU A 73 -31.81 16.14 15.06
C GLU A 73 -32.17 15.40 13.78
N LYS A 74 -32.40 16.15 12.71
CA LYS A 74 -32.72 15.51 11.45
C LYS A 74 -31.49 14.87 10.81
N ILE A 75 -30.34 15.51 10.92
CA ILE A 75 -29.15 14.90 10.35
C ILE A 75 -28.82 13.67 11.20
N GLN A 76 -28.96 13.78 12.52
CA GLN A 76 -28.70 12.63 13.41
C GLN A 76 -29.57 11.45 12.98
N ALA A 77 -30.86 11.70 12.78
CA ALA A 77 -31.75 10.62 12.38
C ALA A 77 -31.27 10.03 11.04
N LEU A 78 -30.65 10.85 10.20
CA LEU A 78 -30.16 10.39 8.90
C LEU A 78 -28.82 9.62 8.95
N LEU A 79 -28.03 9.82 10.01
CA LEU A 79 -26.73 9.16 10.14
C LEU A 79 -26.61 7.74 9.61
N PRO A 80 -27.55 6.85 9.96
CA PRO A 80 -27.50 5.46 9.49
C PRO A 80 -27.43 5.35 7.96
N ALA A 81 -28.21 6.17 7.25
CA ALA A 81 -28.20 6.13 5.80
C ALA A 81 -26.96 6.79 5.23
N ILE A 82 -26.40 7.71 5.99
CA ILE A 82 -25.21 8.43 5.58
C ILE A 82 -24.04 7.49 5.64
N GLU A 83 -23.93 6.78 6.77
CA GLU A 83 -22.84 5.83 6.98
C GLU A 83 -22.87 4.65 6.03
N LYS A 84 -24.06 4.25 5.62
CA LYS A 84 -24.23 3.13 4.70
C LYS A 84 -23.76 3.47 3.28
N SER A 85 -23.89 4.74 2.90
CA SER A 85 -23.54 5.15 1.54
C SER A 85 -22.30 6.02 1.27
N MSE A 86 -21.88 6.78 2.25
CA MSE A 86 -20.73 7.70 2.13
C MSE A 86 -19.42 6.95 1.91
O MSE A 86 -19.23 5.86 2.45
CB MSE A 86 -20.68 8.55 3.41
CG MSE A 86 -19.45 9.40 3.61
SE MSE A 86 -19.42 10.30 5.37
CE MSE A 86 -20.27 11.98 4.80
N PRO A 87 -18.50 7.49 1.09
CA PRO A 87 -17.24 6.79 0.86
C PRO A 87 -16.62 6.46 2.22
N PRO A 88 -16.21 5.19 2.41
CA PRO A 88 -15.61 4.75 3.66
C PRO A 88 -14.55 5.67 4.25
N LEU A 89 -13.61 6.14 3.42
CA LEU A 89 -12.57 7.04 3.94
C LEU A 89 -13.20 8.32 4.50
N LEU A 90 -14.30 8.77 3.87
CA LEU A 90 -14.99 9.97 4.34
C LEU A 90 -15.67 9.65 5.68
N VAL A 91 -16.26 8.46 5.79
CA VAL A 91 -16.90 8.05 7.04
C VAL A 91 -15.84 7.92 8.14
N ALA A 92 -14.66 7.42 7.79
CA ALA A 92 -13.63 7.29 8.81
C ALA A 92 -13.16 8.67 9.27
N ARG A 93 -12.98 9.61 8.33
CA ARG A 93 -12.56 10.98 8.69
C ARG A 93 -13.60 11.61 9.60
N MSE A 94 -14.86 11.46 9.20
CA MSE A 94 -15.98 12.00 9.94
C MSE A 94 -16.06 11.54 11.40
O MSE A 94 -16.33 12.36 12.28
CB MSE A 94 -17.29 11.64 9.24
CG MSE A 94 -18.51 12.10 10.00
SE MSE A 94 -20.14 11.65 9.06
CE MSE A 94 -20.23 9.72 9.34
N ARG A 95 -15.83 10.26 11.67
CA ARG A 95 -15.91 9.82 13.05
C ARG A 95 -14.58 9.66 13.75
N SER A 96 -13.57 10.35 13.23
CA SER A 96 -12.24 10.30 13.83
C SER A 96 -12.11 11.39 14.89
N HIS A 97 -12.94 12.43 14.78
CA HIS A 97 -12.85 13.50 15.78
C HIS A 97 -13.23 13.02 17.17
N SER A 98 -14.03 11.96 17.25
CA SER A 98 -14.49 11.43 18.51
C SER A 98 -13.98 10.03 18.86
N SER A 99 -13.18 9.44 17.98
CA SER A 99 -12.64 8.09 18.21
C SER A 99 -11.20 7.94 17.72
N ALA A 100 -10.37 7.34 18.57
CA ALA A 100 -8.97 7.12 18.26
C ALA A 100 -8.84 6.06 17.18
N TYR A 101 -9.66 5.04 17.29
CA TYR A 101 -9.63 3.96 16.33
C TYR A 101 -9.77 4.48 14.90
N PHE A 102 -10.76 5.32 14.66
CA PHE A 102 -10.97 5.82 13.32
C PHE A 102 -9.90 6.83 12.92
N ARG A 103 -9.31 7.52 13.91
CA ARG A 103 -8.25 8.50 13.64
C ARG A 103 -6.96 7.76 13.26
N GLU A 104 -6.67 6.66 13.96
CA GLU A 104 -5.46 5.87 13.65
C GLU A 104 -5.59 5.24 12.27
N LEU A 105 -6.83 5.02 11.84
CA LEU A 105 -7.11 4.43 10.53
C LEU A 105 -6.81 5.44 9.42
N VAL A 106 -7.36 6.64 9.56
CA VAL A 106 -7.16 7.70 8.59
C VAL A 106 -5.67 7.93 8.40
N GLU A 107 -4.99 8.16 9.51
CA GLU A 107 -3.54 8.39 9.54
C GLU A 107 -2.75 7.27 8.87
N THR A 108 -3.09 6.01 9.13
CA THR A 108 -2.35 4.92 8.49
C THR A 108 -2.57 4.97 6.97
N ARG A 109 -3.81 5.28 6.55
CA ARG A 109 -4.10 5.35 5.12
C ARG A 109 -3.29 6.47 4.47
N GLU A 110 -3.13 7.60 5.16
CA GLU A 110 -2.41 8.72 4.59
C GLU A 110 -0.95 8.32 4.36
N ARG A 111 -0.35 7.63 5.32
CA ARG A 111 1.04 7.22 5.16
C ARG A 111 1.16 6.31 3.96
N LEU A 112 0.25 5.36 3.88
CA LEU A 112 0.24 4.43 2.77
C LEU A 112 0.25 5.16 1.42
N VAL A 113 -0.47 6.28 1.33
CA VAL A 113 -0.52 7.04 0.08
C VAL A 113 0.72 7.91 -0.12
N ARG A 114 1.30 8.39 0.98
CA ARG A 114 2.50 9.20 0.90
C ARG A 114 3.65 8.33 0.42
N ASP A 115 3.78 7.14 0.99
CA ASP A 115 4.85 6.22 0.60
C ASP A 115 4.62 5.71 -0.82
N ALA A 116 3.38 5.69 -1.29
CA ALA A 116 3.12 5.25 -2.65
C ALA A 116 3.60 6.38 -3.56
N ASP A 117 3.24 7.61 -3.19
CA ASP A 117 3.66 8.77 -3.97
C ASP A 117 5.17 8.84 -3.92
N ASP A 118 5.75 8.38 -2.82
CA ASP A 118 7.20 8.35 -2.67
C ASP A 118 7.81 7.43 -3.71
N PHE A 119 7.18 6.27 -3.89
CA PHE A 119 7.67 5.31 -4.85
C PHE A 119 7.63 5.94 -6.25
N VAL A 120 6.52 6.59 -6.57
CA VAL A 120 6.40 7.22 -7.88
C VAL A 120 7.55 8.18 -8.13
N ALA A 121 7.73 9.12 -7.20
CA ALA A 121 8.80 10.12 -7.32
C ALA A 121 10.12 9.41 -7.60
N VAL A 122 10.44 8.43 -6.77
CA VAL A 122 11.68 7.68 -6.91
C VAL A 122 11.78 6.96 -8.27
N ALA A 123 10.75 6.20 -8.64
CA ALA A 123 10.75 5.50 -9.92
C ALA A 123 10.86 6.44 -11.12
N ILE A 124 10.32 7.65 -10.99
CA ILE A 124 10.41 8.61 -12.08
C ILE A 124 11.86 9.08 -12.19
N ALA A 125 12.39 9.58 -11.08
CA ALA A 125 13.78 10.07 -11.03
C ALA A 125 14.69 9.05 -11.70
N GLY A 126 14.30 7.78 -11.58
CA GLY A 126 15.09 6.70 -12.15
C GLY A 126 15.06 6.50 -13.65
N PHE A 127 13.87 6.31 -14.23
CA PHE A 127 13.76 6.06 -15.68
C PHE A 127 12.61 6.80 -16.39
N LYS B 4 30.32 -5.22 -11.32
CA LYS B 4 28.83 -5.35 -11.39
C LYS B 4 28.25 -5.72 -10.02
N ILE B 5 27.74 -6.95 -9.92
CA ILE B 5 27.16 -7.46 -8.68
C ILE B 5 28.09 -8.50 -8.06
N LYS B 6 28.51 -8.25 -6.83
CA LYS B 6 29.41 -9.18 -6.16
C LYS B 6 28.82 -10.59 -6.09
N HIS B 7 29.67 -11.60 -6.30
CA HIS B 7 29.24 -13.00 -6.29
C HIS B 7 28.48 -13.35 -5.02
N GLU B 8 28.93 -12.84 -3.89
CA GLU B 8 28.28 -13.10 -2.61
C GLU B 8 26.81 -12.70 -2.60
N HIS B 9 26.53 -11.52 -3.15
CA HIS B 9 25.16 -11.02 -3.21
C HIS B 9 24.24 -11.87 -4.08
N ILE B 10 24.78 -12.43 -5.15
CA ILE B 10 23.97 -13.27 -6.01
C ILE B 10 23.61 -14.51 -5.19
N ARG B 11 24.52 -14.92 -4.31
CA ARG B 11 24.26 -16.07 -3.49
C ARG B 11 23.17 -15.75 -2.47
N MSE B 12 23.06 -14.48 -2.08
CA MSE B 12 22.03 -14.12 -1.11
C MSE B 12 20.66 -14.26 -1.76
O MSE B 12 19.76 -14.87 -1.19
CB MSE B 12 22.20 -12.66 -0.61
CG MSE B 12 21.56 -11.58 -1.52
SE MSE B 12 20.39 -10.23 -0.65
CE MSE B 12 18.68 -10.84 -1.31
N ALA B 13 20.51 -13.72 -2.97
CA ALA B 13 19.23 -13.79 -3.65
C ALA B 13 18.94 -15.17 -4.19
N MSE B 14 19.98 -15.87 -4.63
CA MSE B 14 19.77 -17.20 -5.16
C MSE B 14 19.27 -18.19 -4.11
O MSE B 14 18.38 -19.00 -4.39
CB MSE B 14 21.04 -17.71 -5.83
CG MSE B 14 21.29 -17.10 -7.21
SE MSE B 14 20.10 -17.84 -8.57
CE MSE B 14 20.71 -19.66 -8.52
N ASN B 15 19.81 -18.12 -2.90
CA ASN B 15 19.37 -19.03 -1.84
C ASN B 15 17.96 -18.63 -1.39
N ALA B 16 17.75 -17.33 -1.21
CA ALA B 16 16.46 -16.81 -0.78
C ALA B 16 15.36 -17.25 -1.74
N TRP B 17 15.71 -17.32 -3.03
CA TRP B 17 14.79 -17.72 -4.08
C TRP B 17 14.53 -19.23 -4.08
N ALA B 18 15.41 -19.98 -3.43
CA ALA B 18 15.24 -21.44 -3.38
C ALA B 18 14.65 -21.93 -2.07
N HIS B 19 14.54 -21.02 -1.10
CA HIS B 19 14.01 -21.36 0.21
C HIS B 19 12.59 -21.94 0.29
N PRO B 20 11.64 -21.40 -0.50
CA PRO B 20 10.28 -21.95 -0.45
C PRO B 20 10.06 -23.25 -1.21
N ASP B 21 9.86 -23.15 -2.53
CA ASP B 21 9.62 -24.32 -3.38
C ASP B 21 10.83 -25.23 -3.60
N GLY B 22 12.03 -24.76 -3.27
CA GLY B 22 13.20 -25.58 -3.45
C GLY B 22 14.21 -25.06 -4.46
N GLU B 23 15.12 -25.93 -4.85
CA GLU B 23 16.18 -25.61 -5.80
C GLU B 23 15.67 -25.70 -7.24
N LYS B 24 14.83 -26.70 -7.50
CA LYS B 24 14.28 -26.95 -8.83
C LYS B 24 13.57 -25.78 -9.52
N VAL B 25 12.94 -24.89 -8.76
CA VAL B 25 12.25 -23.76 -9.38
C VAL B 25 13.24 -22.75 -9.95
N PRO B 26 14.13 -22.19 -9.11
CA PRO B 26 15.10 -21.21 -9.62
C PRO B 26 15.86 -21.78 -10.81
N ALA B 27 16.37 -23.00 -10.64
CA ALA B 27 17.11 -23.67 -11.69
C ALA B 27 16.31 -23.78 -12.98
N ALA B 28 15.03 -24.07 -12.85
CA ALA B 28 14.15 -24.20 -14.02
C ALA B 28 13.89 -22.86 -14.69
N GLU B 29 13.73 -21.81 -13.88
CA GLU B 29 13.47 -20.48 -14.40
C GLU B 29 14.67 -19.99 -15.16
N ILE B 30 15.84 -20.11 -14.52
CA ILE B 30 17.10 -19.68 -15.12
C ILE B 30 17.37 -20.37 -16.45
N THR B 31 17.13 -21.67 -16.49
CA THR B 31 17.37 -22.46 -17.70
C THR B 31 16.48 -22.00 -18.85
N ARG B 32 15.23 -21.70 -18.55
CA ARG B 32 14.30 -21.24 -19.57
C ARG B 32 14.78 -19.89 -20.10
N ALA B 33 15.13 -18.98 -19.20
CA ALA B 33 15.62 -17.66 -19.60
C ALA B 33 16.90 -17.81 -20.40
N TYR B 34 17.73 -18.75 -19.97
CA TYR B 34 19.00 -19.04 -20.61
C TYR B 34 18.76 -19.37 -22.09
N PHE B 35 17.91 -20.35 -22.35
CA PHE B 35 17.61 -20.73 -23.72
C PHE B 35 16.82 -19.69 -24.51
N GLU B 36 16.02 -18.88 -23.82
CA GLU B 36 15.25 -17.85 -24.51
C GLU B 36 16.24 -16.79 -25.01
N LEU B 37 17.32 -16.61 -24.23
CA LEU B 37 18.35 -15.65 -24.58
C LEU B 37 19.34 -16.24 -25.60
N GLY B 38 19.17 -17.53 -25.90
CA GLY B 38 20.05 -18.21 -26.85
C GLY B 38 21.48 -18.23 -26.38
N MSE B 39 21.66 -18.48 -25.08
CA MSE B 39 22.98 -18.52 -24.48
C MSE B 39 23.69 -19.86 -24.59
O MSE B 39 23.07 -20.92 -24.69
CB MSE B 39 22.84 -18.12 -23.01
CG MSE B 39 22.51 -16.66 -22.83
SE MSE B 39 22.21 -16.28 -20.99
CE MSE B 39 23.77 -17.10 -20.23
N THR B 40 25.02 -19.81 -24.55
CA THR B 40 25.82 -21.04 -24.66
C THR B 40 26.88 -21.24 -23.59
N PHE B 41 27.13 -20.20 -22.79
CA PHE B 41 28.11 -20.26 -21.69
C PHE B 41 27.51 -19.61 -20.45
N PRO B 42 27.54 -20.32 -19.31
CA PRO B 42 28.08 -21.67 -19.13
C PRO B 42 27.28 -22.74 -19.85
N GLU B 43 27.78 -23.97 -19.83
CA GLU B 43 27.09 -25.08 -20.48
C GLU B 43 25.94 -25.59 -19.62
N LEU B 44 24.74 -25.57 -20.21
CA LEU B 44 23.53 -26.03 -19.53
C LEU B 44 22.80 -27.03 -20.44
N TYR B 45 22.26 -28.08 -19.84
CA TYR B 45 21.56 -29.13 -20.58
C TYR B 45 20.11 -28.82 -20.98
N ASP B 46 19.83 -28.93 -22.27
CA ASP B 46 18.49 -28.68 -22.81
C ASP B 46 17.59 -29.89 -22.55
N ASP B 47 16.40 -29.90 -23.17
CA ASP B 47 15.48 -31.02 -22.99
C ASP B 47 15.93 -32.26 -23.75
N SER B 48 16.98 -32.10 -24.55
CA SER B 48 17.54 -33.18 -25.35
C SER B 48 18.37 -34.09 -24.45
N HIS B 49 18.13 -33.98 -23.15
CA HIS B 49 18.81 -34.77 -22.13
C HIS B 49 17.78 -35.47 -21.28
N PRO B 50 18.19 -36.50 -20.53
CA PRO B 50 17.24 -37.22 -19.68
C PRO B 50 16.75 -36.29 -18.59
N GLU B 51 17.29 -36.46 -17.39
CA GLU B 51 16.90 -35.63 -16.26
C GLU B 51 17.75 -34.35 -16.29
N ALA B 52 17.67 -33.67 -17.43
CA ALA B 52 18.40 -32.42 -17.65
C ALA B 52 18.21 -31.42 -16.49
N LEU B 53 16.96 -31.19 -16.09
CA LEU B 53 16.67 -30.25 -15.02
C LEU B 53 17.37 -30.59 -13.72
N ALA B 54 17.45 -31.87 -13.41
CA ALA B 54 18.09 -32.32 -12.18
C ALA B 54 19.60 -32.24 -12.31
N ARG B 55 20.09 -32.40 -13.54
CA ARG B 55 21.51 -32.37 -13.80
C ARG B 55 22.16 -30.97 -13.71
N ASN B 56 21.46 -29.94 -14.19
CA ASN B 56 22.04 -28.59 -14.14
C ASN B 56 21.52 -27.75 -12.98
N THR B 57 20.65 -28.33 -12.17
CA THR B 57 20.14 -27.66 -10.99
C THR B 57 21.31 -27.82 -10.02
N GLN B 58 22.07 -28.89 -10.27
CA GLN B 58 23.26 -29.26 -9.50
C GLN B 58 24.42 -28.35 -9.85
N LYS B 59 24.60 -28.12 -11.14
CA LYS B 59 25.67 -27.25 -11.63
C LYS B 59 25.53 -25.83 -11.11
N ILE B 60 24.37 -25.23 -11.36
CA ILE B 60 24.11 -23.86 -10.95
C ILE B 60 24.39 -23.60 -9.47
N PHE B 61 23.80 -24.39 -8.58
CA PHE B 61 24.01 -24.18 -7.16
C PHE B 61 25.37 -24.62 -6.67
N ARG B 62 26.04 -25.43 -7.47
CA ARG B 62 27.39 -25.88 -7.15
C ARG B 62 28.30 -24.65 -7.37
N TRP B 63 27.88 -23.74 -8.25
CA TRP B 63 28.63 -22.53 -8.56
C TRP B 63 28.34 -21.42 -7.55
N VAL B 64 27.09 -21.33 -7.13
CA VAL B 64 26.64 -20.34 -6.16
C VAL B 64 27.31 -20.46 -4.79
N GLU B 65 27.48 -21.70 -4.33
CA GLU B 65 28.08 -21.96 -3.02
C GLU B 65 29.58 -21.71 -2.94
N LYS B 66 30.28 -21.78 -4.07
CA LYS B 66 31.73 -21.57 -4.09
C LYS B 66 32.14 -20.12 -4.32
N ASP B 67 33.42 -19.85 -4.12
CA ASP B 67 33.94 -18.51 -4.31
C ASP B 67 35.15 -18.56 -5.21
N THR B 68 35.36 -19.71 -5.85
CA THR B 68 36.50 -19.91 -6.74
C THR B 68 36.32 -19.17 -8.06
N PRO B 69 37.42 -18.67 -8.64
CA PRO B 69 37.37 -17.95 -9.89
C PRO B 69 36.47 -18.57 -10.97
N ASP B 70 36.49 -19.90 -11.10
CA ASP B 70 35.66 -20.55 -12.11
C ASP B 70 34.19 -20.53 -11.73
N ALA B 71 33.91 -20.65 -10.43
CA ALA B 71 32.51 -20.62 -10.01
C ALA B 71 32.01 -19.22 -10.25
N VAL B 72 32.81 -18.25 -9.80
CA VAL B 72 32.48 -16.84 -9.93
C VAL B 72 32.20 -16.36 -11.36
N GLU B 73 33.06 -16.74 -12.30
CA GLU B 73 32.92 -16.35 -13.69
C GLU B 73 31.70 -16.95 -14.36
N LYS B 74 31.39 -18.20 -14.06
CA LYS B 74 30.24 -18.85 -14.66
C LYS B 74 28.90 -18.31 -14.18
N ILE B 75 28.91 -17.66 -13.03
CA ILE B 75 27.68 -17.09 -12.50
C ILE B 75 27.44 -15.74 -13.17
N GLN B 76 28.49 -14.95 -13.30
CA GLN B 76 28.37 -13.64 -13.94
C GLN B 76 27.83 -13.87 -15.34
N ALA B 77 28.33 -14.91 -15.99
CA ALA B 77 27.91 -15.26 -17.33
C ALA B 77 26.42 -15.59 -17.33
N LEU B 78 25.93 -16.17 -16.22
CA LEU B 78 24.52 -16.54 -16.10
C LEU B 78 23.61 -15.39 -15.66
N LEU B 79 24.16 -14.33 -15.08
CA LEU B 79 23.36 -13.20 -14.60
C LEU B 79 22.16 -12.84 -15.48
N PRO B 80 22.39 -12.61 -16.79
CA PRO B 80 21.31 -12.25 -17.72
C PRO B 80 20.10 -13.16 -17.60
N ALA B 81 20.34 -14.47 -17.51
CA ALA B 81 19.23 -15.41 -17.38
C ALA B 81 18.64 -15.31 -15.97
N ILE B 82 19.47 -14.92 -15.01
CA ILE B 82 19.04 -14.78 -13.64
C ILE B 82 18.20 -13.51 -13.45
N GLU B 83 18.65 -12.39 -14.02
CA GLU B 83 17.92 -11.14 -13.90
C GLU B 83 16.63 -11.21 -14.74
N LYS B 84 16.63 -12.10 -15.72
CA LYS B 84 15.51 -12.30 -16.62
C LYS B 84 14.38 -13.10 -16.02
N SER B 85 14.73 -14.03 -15.14
CA SER B 85 13.76 -14.92 -14.53
C SER B 85 13.49 -14.74 -13.04
N MSE B 86 14.47 -14.22 -12.32
CA MSE B 86 14.35 -14.01 -10.88
C MSE B 86 13.19 -13.05 -10.56
O MSE B 86 12.83 -12.20 -11.38
CB MSE B 86 15.68 -13.46 -10.34
CG MSE B 86 15.72 -13.23 -8.84
SE MSE B 86 17.46 -12.68 -8.18
CE MSE B 86 18.12 -14.42 -7.56
N PRO B 87 12.55 -13.19 -9.38
CA PRO B 87 11.45 -12.29 -9.01
C PRO B 87 11.95 -10.86 -8.79
N PRO B 88 11.30 -9.87 -9.41
CA PRO B 88 11.72 -8.47 -9.27
C PRO B 88 12.20 -8.07 -7.89
N LEU B 89 11.48 -8.47 -6.86
CA LEU B 89 11.86 -8.09 -5.51
C LEU B 89 13.25 -8.58 -5.12
N LEU B 90 13.55 -9.86 -5.40
CA LEU B 90 14.86 -10.42 -5.08
C LEU B 90 15.94 -9.74 -5.92
N VAL B 91 15.58 -9.32 -7.13
CA VAL B 91 16.54 -8.64 -7.99
C VAL B 91 16.92 -7.29 -7.39
N ALA B 92 15.93 -6.56 -6.91
CA ALA B 92 16.18 -5.26 -6.30
C ALA B 92 17.08 -5.42 -5.08
N ARG B 93 16.79 -6.43 -4.27
CA ARG B 93 17.61 -6.69 -3.09
C ARG B 93 19.03 -6.90 -3.60
N MSE B 94 19.17 -7.83 -4.54
CA MSE B 94 20.48 -8.14 -5.12
C MSE B 94 21.28 -6.91 -5.50
O MSE B 94 22.38 -6.70 -4.98
CB MSE B 94 20.29 -9.03 -6.34
CG MSE B 94 21.55 -9.77 -6.77
SE MSE B 94 21.25 -10.97 -8.26
CE MSE B 94 21.06 -12.56 -7.28
N ARG B 95 20.74 -6.08 -6.40
CA ARG B 95 21.44 -4.88 -6.85
C ARG B 95 21.51 -3.74 -5.83
N SER B 96 20.78 -3.85 -4.73
CA SER B 96 20.77 -2.80 -3.72
C SER B 96 22.15 -2.59 -3.09
N HIS B 97 22.94 -3.64 -2.98
CA HIS B 97 24.26 -3.54 -2.39
C HIS B 97 25.23 -2.72 -3.22
N SER B 98 24.85 -2.42 -4.45
CA SER B 98 25.73 -1.65 -5.32
C SER B 98 25.08 -0.39 -5.84
N SER B 99 23.76 -0.38 -5.88
CA SER B 99 23.01 0.76 -6.37
C SER B 99 22.22 1.47 -5.27
N ALA B 100 22.42 2.78 -5.14
CA ALA B 100 21.73 3.58 -4.14
C ALA B 100 20.26 3.70 -4.55
N TYR B 101 20.03 3.73 -5.85
CA TYR B 101 18.70 3.83 -6.40
C TYR B 101 17.88 2.60 -6.00
N PHE B 102 18.46 1.43 -6.21
CA PHE B 102 17.79 0.17 -5.88
C PHE B 102 17.64 -0.03 -4.39
N ARG B 103 18.51 0.59 -3.61
CA ARG B 103 18.42 0.48 -2.18
C ARG B 103 17.23 1.31 -1.69
N GLU B 104 17.05 2.49 -2.28
CA GLU B 104 15.95 3.38 -1.93
C GLU B 104 14.61 2.77 -2.35
N LEU B 105 14.65 2.05 -3.45
CA LEU B 105 13.49 1.38 -4.00
C LEU B 105 13.05 0.33 -2.99
N VAL B 106 13.99 -0.49 -2.54
CA VAL B 106 13.70 -1.54 -1.56
C VAL B 106 13.22 -0.97 -0.22
N GLU B 107 13.74 0.20 0.16
CA GLU B 107 13.34 0.80 1.43
C GLU B 107 11.88 1.23 1.36
N THR B 108 11.50 1.84 0.24
CA THR B 108 10.14 2.28 0.07
C THR B 108 9.19 1.09 0.06
N ARG B 109 9.64 -0.04 -0.48
CA ARG B 109 8.80 -1.22 -0.50
C ARG B 109 8.55 -1.68 0.93
N GLU B 110 9.60 -1.61 1.77
CA GLU B 110 9.49 -2.03 3.18
C GLU B 110 8.54 -1.15 3.98
N ARG B 111 8.57 0.15 3.70
CA ARG B 111 7.69 1.06 4.40
C ARG B 111 6.24 0.79 4.04
N LEU B 112 5.97 0.51 2.77
CA LEU B 112 4.60 0.22 2.34
C LEU B 112 4.12 -1.02 3.09
N VAL B 113 4.98 -2.03 3.13
CA VAL B 113 4.66 -3.27 3.83
C VAL B 113 4.45 -2.96 5.30
N ARG B 114 5.33 -2.18 5.90
CA ARG B 114 5.15 -1.84 7.32
C ARG B 114 3.83 -1.11 7.56
N ASP B 115 3.49 -0.19 6.64
CA ASP B 115 2.24 0.56 6.76
C ASP B 115 1.08 -0.41 6.67
N ALA B 116 1.21 -1.44 5.84
CA ALA B 116 0.15 -2.42 5.69
C ALA B 116 -0.01 -3.23 6.97
N ASP B 117 1.10 -3.49 7.65
CA ASP B 117 1.04 -4.23 8.90
C ASP B 117 0.43 -3.33 9.98
N ASP B 118 0.68 -2.02 9.89
CA ASP B 118 0.10 -1.11 10.87
C ASP B 118 -1.41 -1.07 10.76
N PHE B 119 -1.91 -1.33 9.56
CA PHE B 119 -3.34 -1.34 9.30
C PHE B 119 -3.94 -2.52 10.08
N VAL B 120 -3.37 -3.70 9.88
CA VAL B 120 -3.83 -4.90 10.57
C VAL B 120 -3.82 -4.70 12.09
N ALA B 121 -2.74 -4.14 12.64
CA ALA B 121 -2.66 -3.90 14.08
C ALA B 121 -3.79 -3.00 14.55
N VAL B 122 -3.99 -1.86 13.88
CA VAL B 122 -5.05 -0.95 14.26
C VAL B 122 -6.39 -1.65 14.30
N ALA B 123 -6.68 -2.47 13.29
CA ALA B 123 -7.96 -3.19 13.28
C ALA B 123 -7.97 -4.26 14.38
N ILE B 124 -6.79 -4.74 14.75
CA ILE B 124 -6.67 -5.72 15.81
C ILE B 124 -6.97 -4.98 17.12
N ALA B 125 -6.36 -3.81 17.29
CA ALA B 125 -6.55 -3.02 18.50
C ALA B 125 -8.02 -2.74 18.73
N GLY B 126 -8.76 -2.56 17.65
CA GLY B 126 -10.18 -2.30 17.77
C GLY B 126 -10.89 -3.61 18.06
N PHE B 127 -10.12 -4.70 17.96
CA PHE B 127 -10.57 -6.09 18.18
C PHE B 127 -12.03 -6.42 17.87
N LYS C 4 6.47 14.17 -28.42
CA LYS C 4 6.97 13.53 -27.16
C LYS C 4 5.92 13.56 -26.05
N ILE C 5 5.25 14.70 -25.87
CA ILE C 5 4.20 14.85 -24.87
C ILE C 5 3.16 15.86 -25.38
N LYS C 6 2.02 15.34 -25.84
CA LYS C 6 0.96 16.18 -26.38
C LYS C 6 0.50 17.33 -25.49
N HIS C 7 0.53 18.53 -26.06
CA HIS C 7 0.11 19.75 -25.40
C HIS C 7 -1.18 19.57 -24.60
N GLU C 8 -2.15 18.84 -25.17
CA GLU C 8 -3.43 18.61 -24.50
C GLU C 8 -3.23 18.03 -23.10
N HIS C 9 -2.42 16.98 -23.03
CA HIS C 9 -2.13 16.29 -21.78
C HIS C 9 -1.30 17.13 -20.82
N ILE C 10 -0.51 18.05 -21.35
CA ILE C 10 0.26 18.93 -20.50
C ILE C 10 -0.78 19.85 -19.87
N ARG C 11 -1.87 20.10 -20.59
CA ARG C 11 -2.95 20.95 -20.08
C ARG C 11 -3.71 20.31 -18.91
N MSE C 12 -4.05 19.04 -19.05
CA MSE C 12 -4.75 18.32 -17.99
C MSE C 12 -3.99 18.35 -16.68
O MSE C 12 -4.57 18.64 -15.61
CB MSE C 12 -5.01 16.88 -18.40
CG MSE C 12 -6.37 16.69 -19.01
SE MSE C 12 -6.32 15.38 -20.42
CE MSE C 12 -5.98 13.80 -19.35
N ALA C 13 -2.70 18.04 -16.73
CA ALA C 13 -1.87 18.03 -15.53
C ALA C 13 -1.72 19.43 -14.95
N MSE C 14 -1.64 20.43 -15.83
CA MSE C 14 -1.49 21.79 -15.39
C MSE C 14 -2.74 22.27 -14.69
O MSE C 14 -2.66 22.94 -13.67
CB MSE C 14 -1.10 22.70 -16.57
CG MSE C 14 0.35 22.54 -17.02
SE MSE C 14 1.66 23.18 -15.72
CE MSE C 14 1.59 25.10 -16.12
N ASN C 15 -3.91 21.94 -15.24
CA ASN C 15 -5.16 22.36 -14.60
C ASN C 15 -5.35 21.61 -13.27
N ALA C 16 -4.94 20.35 -13.22
CA ALA C 16 -5.06 19.57 -11.98
C ALA C 16 -4.13 20.12 -10.90
N TRP C 17 -2.94 20.53 -11.31
CA TRP C 17 -1.98 21.07 -10.34
C TRP C 17 -2.52 22.36 -9.73
N ALA C 18 -3.29 23.12 -10.51
CA ALA C 18 -3.83 24.38 -10.01
C ALA C 18 -5.24 24.26 -9.40
N HIS C 19 -5.83 23.07 -9.50
CA HIS C 19 -7.18 22.82 -8.99
C HIS C 19 -7.46 23.28 -7.56
N PRO C 20 -6.58 22.96 -6.60
CA PRO C 20 -6.83 23.41 -5.23
C PRO C 20 -6.49 24.87 -4.90
N ASP C 21 -5.20 25.16 -4.77
CA ASP C 21 -4.71 26.51 -4.43
C ASP C 21 -4.67 27.57 -5.53
N GLY C 22 -5.37 27.33 -6.64
CA GLY C 22 -5.36 28.30 -7.73
C GLY C 22 -4.16 28.10 -8.65
N GLU C 23 -4.02 28.98 -9.65
CA GLU C 23 -2.93 28.91 -10.63
C GLU C 23 -1.60 29.49 -10.19
N LYS C 24 -1.63 30.41 -9.24
CA LYS C 24 -0.42 31.04 -8.74
C LYS C 24 0.60 30.12 -8.10
N VAL C 25 0.18 28.96 -7.60
CA VAL C 25 1.13 28.04 -6.97
C VAL C 25 1.98 27.36 -8.04
N PRO C 26 1.32 26.72 -9.04
CA PRO C 26 2.10 26.06 -10.10
C PRO C 26 3.00 27.09 -10.82
N ALA C 27 2.50 28.30 -11.00
CA ALA C 27 3.29 29.34 -11.66
C ALA C 27 4.48 29.72 -10.80
N ALA C 28 4.26 29.88 -9.50
CA ALA C 28 5.35 30.24 -8.60
C ALA C 28 6.41 29.17 -8.67
N GLU C 29 5.99 27.91 -8.59
CA GLU C 29 6.92 26.78 -8.63
C GLU C 29 7.67 26.66 -9.96
N ILE C 30 6.93 26.65 -11.07
CA ILE C 30 7.51 26.55 -12.39
C ILE C 30 8.56 27.65 -12.59
N THR C 31 8.22 28.88 -12.20
CA THR C 31 9.15 29.99 -12.35
C THR C 31 10.38 29.80 -11.49
N ARG C 32 10.22 29.18 -10.33
CA ARG C 32 11.36 28.95 -9.46
C ARG C 32 12.32 28.07 -10.22
N ALA C 33 11.82 26.92 -10.63
CA ALA C 33 12.61 25.96 -11.36
C ALA C 33 13.23 26.64 -12.59
N TYR C 34 12.39 27.27 -13.42
CA TYR C 34 12.85 27.97 -14.63
C TYR C 34 14.14 28.71 -14.39
N PHE C 35 14.14 29.65 -13.45
CA PHE C 35 15.34 30.40 -13.19
C PHE C 35 16.42 29.56 -12.53
N GLU C 36 16.02 28.52 -11.82
CA GLU C 36 16.99 27.63 -11.18
C GLU C 36 17.78 26.96 -12.29
N LEU C 37 17.12 26.67 -13.39
CA LEU C 37 17.73 26.03 -14.53
C LEU C 37 18.42 26.98 -15.52
N GLY C 38 18.39 28.28 -15.23
CA GLY C 38 19.03 29.24 -16.12
C GLY C 38 18.40 29.36 -17.50
N MSE C 39 17.07 29.23 -17.57
CA MSE C 39 16.38 29.32 -18.84
C MSE C 39 16.06 30.74 -19.28
O MSE C 39 16.13 31.68 -18.49
CB MSE C 39 15.11 28.50 -18.79
CG MSE C 39 15.38 27.01 -18.75
SE MSE C 39 13.85 26.05 -18.06
CE MSE C 39 12.79 25.89 -19.66
N THR C 40 15.71 30.88 -20.55
CA THR C 40 15.38 32.18 -21.12
C THR C 40 14.25 32.07 -22.12
N PHE C 41 13.84 30.84 -22.45
CA PHE C 41 12.74 30.66 -23.37
C PHE C 41 11.77 29.61 -22.84
N PRO C 42 10.49 29.97 -22.74
CA PRO C 42 9.97 31.29 -23.11
C PRO C 42 10.41 32.35 -22.12
N GLU C 43 10.07 33.61 -22.39
CA GLU C 43 10.47 34.66 -21.46
C GLU C 43 9.43 34.84 -20.36
N LEU C 44 9.91 34.86 -19.12
CA LEU C 44 9.07 35.03 -17.96
C LEU C 44 9.73 36.18 -17.21
N TYR C 45 8.97 36.88 -16.38
CA TYR C 45 9.52 37.99 -15.62
C TYR C 45 10.19 37.58 -14.31
N ASP C 46 11.33 38.18 -13.99
CA ASP C 46 12.01 37.85 -12.73
C ASP C 46 11.49 38.74 -11.61
N ASP C 47 11.91 38.44 -10.40
CA ASP C 47 11.49 39.17 -9.21
C ASP C 47 11.75 40.66 -9.27
N SER C 48 12.59 41.07 -10.22
CA SER C 48 12.92 42.48 -10.40
C SER C 48 11.71 43.25 -10.97
N HIS C 49 10.70 42.52 -11.44
CA HIS C 49 9.53 43.16 -12.02
C HIS C 49 8.38 43.27 -11.02
N PRO C 50 7.75 44.46 -10.95
CA PRO C 50 6.64 44.75 -10.06
C PRO C 50 5.67 43.64 -9.64
N GLU C 51 4.84 43.15 -10.55
CA GLU C 51 3.89 42.10 -10.16
C GLU C 51 4.25 40.75 -10.82
N ALA C 52 5.55 40.53 -10.96
CA ALA C 52 6.08 39.33 -11.60
C ALA C 52 5.22 38.08 -11.58
N LEU C 53 4.94 37.55 -10.38
CA LEU C 53 4.17 36.33 -10.25
C LEU C 53 2.82 36.35 -10.96
N ALA C 54 2.04 37.39 -10.72
CA ALA C 54 0.72 37.50 -11.33
C ALA C 54 0.86 37.53 -12.85
N ARG C 55 1.83 38.29 -13.33
CA ARG C 55 2.05 38.37 -14.77
C ARG C 55 2.56 37.05 -15.36
N ASN C 56 3.50 36.40 -14.68
CA ASN C 56 4.03 35.12 -15.17
C ASN C 56 2.93 34.07 -15.13
N THR C 57 1.99 34.26 -14.21
CA THR C 57 0.87 33.33 -14.06
C THR C 57 -0.08 33.43 -15.24
N GLN C 58 -0.42 34.66 -15.65
CA GLN C 58 -1.29 34.87 -16.79
C GLN C 58 -0.63 34.41 -18.09
N LYS C 59 0.65 34.73 -18.26
CA LYS C 59 1.36 34.30 -19.46
C LYS C 59 1.32 32.78 -19.58
N ILE C 60 1.85 32.10 -18.56
CA ILE C 60 1.91 30.64 -18.57
C ILE C 60 0.60 29.94 -18.85
N PHE C 61 -0.47 30.32 -18.14
CA PHE C 61 -1.75 29.66 -18.36
C PHE C 61 -2.47 30.05 -19.64
N ARG C 62 -2.07 31.18 -20.22
CA ARG C 62 -2.64 31.60 -21.47
C ARG C 62 -2.15 30.58 -22.49
N TRP C 63 -0.84 30.28 -22.46
CA TRP C 63 -0.25 29.32 -23.39
C TRP C 63 -0.88 27.96 -23.19
N VAL C 64 -1.10 27.60 -21.92
CA VAL C 64 -1.72 26.33 -21.60
C VAL C 64 -3.08 26.20 -22.27
N GLU C 65 -3.91 27.24 -22.14
CA GLU C 65 -5.25 27.23 -22.72
C GLU C 65 -5.29 27.35 -24.25
N LYS C 66 -4.46 28.24 -24.81
CA LYS C 66 -4.43 28.42 -26.26
C LYS C 66 -4.02 27.14 -26.91
N ASP C 67 -4.01 27.12 -28.24
CA ASP C 67 -3.63 25.92 -28.97
C ASP C 67 -2.88 26.25 -30.24
N THR C 68 -2.50 27.51 -30.38
CA THR C 68 -1.76 27.98 -31.55
C THR C 68 -0.35 27.40 -31.52
N PRO C 69 0.27 27.21 -32.70
CA PRO C 69 1.62 26.65 -32.81
C PRO C 69 2.59 27.36 -31.87
N ASP C 70 2.31 28.64 -31.61
CA ASP C 70 3.11 29.48 -30.75
C ASP C 70 3.01 28.95 -29.32
N ALA C 71 1.78 28.87 -28.82
CA ALA C 71 1.52 28.36 -27.47
C ALA C 71 2.23 27.03 -27.26
N VAL C 72 1.93 26.08 -28.13
CA VAL C 72 2.50 24.76 -28.08
C VAL C 72 4.02 24.78 -27.96
N GLU C 73 4.65 25.70 -28.66
CA GLU C 73 6.12 25.83 -28.64
C GLU C 73 6.67 26.37 -27.34
N LYS C 74 5.93 27.26 -26.71
CA LYS C 74 6.38 27.85 -25.47
C LYS C 74 6.24 26.88 -24.28
N ILE C 75 5.13 26.17 -24.20
CA ILE C 75 4.93 25.21 -23.11
C ILE C 75 5.91 24.06 -23.30
N GLN C 76 6.16 23.70 -24.56
CA GLN C 76 7.07 22.62 -24.88
C GLN C 76 8.46 23.01 -24.39
N ALA C 77 8.81 24.28 -24.49
CA ALA C 77 10.11 24.75 -24.04
C ALA C 77 10.12 24.81 -22.51
N LEU C 78 8.93 24.94 -21.92
CA LEU C 78 8.80 25.03 -20.47
C LEU C 78 8.76 23.66 -19.76
N LEU C 79 8.52 22.58 -20.51
CA LEU C 79 8.44 21.24 -19.92
C LEU C 79 9.49 20.93 -18.84
N PRO C 80 10.76 21.30 -19.06
CA PRO C 80 11.81 21.03 -18.08
C PRO C 80 11.55 21.71 -16.73
N ALA C 81 11.07 22.94 -16.77
CA ALA C 81 10.79 23.65 -15.53
C ALA C 81 9.55 23.04 -14.90
N ILE C 82 8.64 22.57 -15.75
CA ILE C 82 7.40 21.96 -15.27
C ILE C 82 7.72 20.66 -14.57
N GLU C 83 8.44 19.79 -15.26
CA GLU C 83 8.81 18.47 -14.75
C GLU C 83 9.67 18.50 -13.49
N LYS C 84 10.44 19.56 -13.28
CA LYS C 84 11.25 19.62 -12.08
C LYS C 84 10.44 20.24 -10.93
N SER C 85 9.25 20.74 -11.25
CA SER C 85 8.40 21.42 -10.29
C SER C 85 7.11 20.73 -9.86
N MSE C 86 6.44 20.14 -10.84
CA MSE C 86 5.16 19.49 -10.67
C MSE C 86 5.19 18.25 -9.77
O MSE C 86 6.19 17.55 -9.69
CB MSE C 86 4.63 19.16 -12.06
CG MSE C 86 3.36 18.39 -12.13
SE MSE C 86 2.99 18.00 -14.00
CE MSE C 86 1.98 19.61 -14.42
N PRO C 87 4.08 18.00 -9.02
CA PRO C 87 3.97 16.85 -8.13
C PRO C 87 4.23 15.58 -8.94
N PRO C 88 5.23 14.79 -8.53
CA PRO C 88 5.60 13.55 -9.19
C PRO C 88 4.43 12.74 -9.77
N LEU C 89 3.36 12.60 -8.99
CA LEU C 89 2.17 11.85 -9.42
C LEU C 89 1.56 12.47 -10.67
N LEU C 90 1.44 13.80 -10.68
CA LEU C 90 0.87 14.51 -11.82
C LEU C 90 1.81 14.37 -13.01
N VAL C 91 3.11 14.50 -12.78
CA VAL C 91 4.09 14.33 -13.86
C VAL C 91 3.92 12.95 -14.46
N ALA C 92 3.72 11.96 -13.59
CA ALA C 92 3.54 10.59 -14.02
C ALA C 92 2.28 10.42 -14.87
N ARG C 93 1.19 11.06 -14.48
CA ARG C 93 -0.08 11.00 -15.21
C ARG C 93 0.06 11.68 -16.57
N MSE C 94 0.81 12.77 -16.57
CA MSE C 94 1.05 13.52 -17.79
C MSE C 94 1.79 12.70 -18.84
O MSE C 94 1.52 12.83 -20.03
CB MSE C 94 1.85 14.78 -17.44
CG MSE C 94 2.28 15.61 -18.62
SE MSE C 94 3.19 17.18 -18.03
CE MSE C 94 4.94 16.45 -17.69
N ARG C 95 2.70 11.84 -18.40
CA ARG C 95 3.48 11.03 -19.34
C ARG C 95 2.92 9.66 -19.66
N SER C 96 1.92 9.24 -18.88
CA SER C 96 1.30 7.93 -19.08
C SER C 96 0.49 7.80 -20.38
N HIS C 97 0.42 8.89 -21.14
CA HIS C 97 -0.31 8.88 -22.40
C HIS C 97 0.66 8.52 -23.52
N SER C 98 1.89 8.98 -23.37
CA SER C 98 2.93 8.74 -24.36
C SER C 98 3.96 7.71 -23.91
N SER C 99 3.72 7.07 -22.77
CA SER C 99 4.64 6.07 -22.25
C SER C 99 3.94 4.98 -21.43
N ALA C 100 4.22 3.73 -21.75
CA ALA C 100 3.62 2.60 -21.04
C ALA C 100 4.21 2.45 -19.65
N TYR C 101 5.44 2.89 -19.48
CA TYR C 101 6.11 2.81 -18.19
C TYR C 101 5.34 3.66 -17.16
N PHE C 102 5.22 4.95 -17.45
CA PHE C 102 4.52 5.87 -16.59
C PHE C 102 3.06 5.49 -16.42
N ARG C 103 2.50 4.80 -17.41
CA ARG C 103 1.11 4.39 -17.34
C ARG C 103 0.95 3.29 -16.28
N GLU C 104 1.95 2.41 -16.18
CA GLU C 104 1.95 1.33 -15.21
C GLU C 104 2.22 1.85 -13.81
N LEU C 105 3.01 2.92 -13.75
CA LEU C 105 3.35 3.52 -12.47
C LEU C 105 2.10 4.13 -11.85
N VAL C 106 1.29 4.80 -12.67
CA VAL C 106 0.07 5.44 -12.20
C VAL C 106 -1.00 4.40 -11.87
N GLU C 107 -0.99 3.30 -12.62
CA GLU C 107 -1.96 2.24 -12.41
C GLU C 107 -1.67 1.48 -11.14
N THR C 108 -0.39 1.33 -10.82
CA THR C 108 -0.01 0.62 -9.61
C THR C 108 -0.40 1.46 -8.42
N ARG C 109 -0.01 2.72 -8.45
CA ARG C 109 -0.31 3.61 -7.34
C ARG C 109 -1.82 3.67 -7.10
N GLU C 110 -2.61 3.71 -8.16
CA GLU C 110 -4.07 3.80 -7.99
C GLU C 110 -4.63 2.51 -7.42
N ARG C 111 -4.03 1.39 -7.81
CA ARG C 111 -4.47 0.08 -7.31
C ARG C 111 -4.16 0.03 -5.82
N LEU C 112 -3.05 0.64 -5.44
CA LEU C 112 -2.66 0.66 -4.05
C LEU C 112 -3.61 1.55 -3.25
N VAL C 113 -3.99 2.70 -3.79
CA VAL C 113 -4.89 3.56 -3.04
C VAL C 113 -6.27 2.91 -2.84
N ARG C 114 -6.75 2.16 -3.83
CA ARG C 114 -8.02 1.47 -3.70
C ARG C 114 -7.94 0.43 -2.58
N ASP C 115 -6.87 -0.36 -2.58
CA ASP C 115 -6.71 -1.36 -1.55
C ASP C 115 -6.57 -0.75 -0.17
N ALA C 116 -5.99 0.44 -0.09
CA ALA C 116 -5.85 1.10 1.20
C ALA C 116 -7.24 1.44 1.64
N ASP C 117 -8.07 1.85 0.69
CA ASP C 117 -9.44 2.21 1.04
C ASP C 117 -10.37 1.02 1.26
N ASP C 118 -10.03 -0.12 0.68
CA ASP C 118 -10.82 -1.31 0.88
C ASP C 118 -10.52 -1.78 2.31
N PHE C 119 -9.34 -1.41 2.80
CA PHE C 119 -8.94 -1.79 4.14
C PHE C 119 -9.71 -0.96 5.13
N VAL C 120 -9.74 0.34 4.89
CA VAL C 120 -10.47 1.22 5.77
C VAL C 120 -11.92 0.76 5.84
N ALA C 121 -12.46 0.32 4.71
CA ALA C 121 -13.85 -0.14 4.64
C ALA C 121 -14.11 -1.37 5.49
N VAL C 122 -13.34 -2.43 5.23
CA VAL C 122 -13.45 -3.68 5.98
C VAL C 122 -13.18 -3.39 7.45
N ALA C 123 -12.26 -2.48 7.74
CA ALA C 123 -11.97 -2.17 9.13
C ALA C 123 -13.14 -1.45 9.78
N ILE C 124 -13.84 -0.59 9.04
CA ILE C 124 -14.99 0.14 9.59
C ILE C 124 -16.15 -0.83 9.88
N ALA C 125 -16.59 -1.55 8.84
CA ALA C 125 -17.65 -2.52 9.04
C ALA C 125 -16.84 -3.51 9.83
N GLY C 126 -17.41 -4.18 10.80
CA GLY C 126 -16.56 -5.08 11.54
C GLY C 126 -16.25 -4.40 12.87
N PHE C 127 -16.17 -3.07 12.84
CA PHE C 127 -15.98 -2.32 14.08
C PHE C 127 -17.41 -2.04 14.51
N ASN C 128 -18.29 -1.90 13.53
CA ASN C 128 -19.68 -1.64 13.80
C ASN C 128 -20.27 -2.96 14.26
N GLN C 129 -19.58 -4.04 13.90
CA GLN C 129 -20.00 -5.37 14.31
C GLN C 129 -19.27 -5.69 15.61
N MSE C 130 -19.67 -5.01 16.67
CA MSE C 130 -19.08 -5.18 17.99
C MSE C 130 -19.65 -6.39 18.73
O MSE C 130 -18.85 -7.31 19.03
CB MSE C 130 -19.32 -3.91 18.79
CG MSE C 130 -20.76 -3.43 18.69
SE MSE C 130 -20.88 -1.54 18.33
CE MSE C 130 -22.25 -1.07 19.63
N LYS D 4 -14.57 -22.57 17.88
CA LYS D 4 -13.96 -21.32 17.31
C LYS D 4 -12.52 -21.53 16.81
N ILE D 5 -11.53 -21.03 17.54
CA ILE D 5 -10.15 -21.20 17.10
C ILE D 5 -9.68 -22.62 17.38
N LYS D 6 -9.37 -23.33 16.31
CA LYS D 6 -8.91 -24.72 16.42
C LYS D 6 -7.47 -24.84 16.91
N HIS D 7 -7.21 -25.89 17.69
CA HIS D 7 -5.88 -26.12 18.23
C HIS D 7 -4.79 -26.09 17.16
N GLU D 8 -5.07 -26.61 15.97
CA GLU D 8 -4.07 -26.61 14.89
C GLU D 8 -3.80 -25.23 14.29
N HIS D 9 -4.77 -24.32 14.37
CA HIS D 9 -4.54 -22.95 13.84
C HIS D 9 -3.57 -22.27 14.81
N ILE D 10 -3.78 -22.50 16.09
CA ILE D 10 -2.90 -21.91 17.10
C ILE D 10 -1.46 -22.41 16.89
N ARG D 11 -1.31 -23.71 16.62
CA ARG D 11 0.01 -24.30 16.38
C ARG D 11 0.70 -23.61 15.21
N MSE D 12 -0.02 -23.49 14.10
CA MSE D 12 0.50 -22.86 12.91
C MSE D 12 1.05 -21.46 13.18
O MSE D 12 2.12 -21.11 12.73
CB MSE D 12 -0.60 -22.80 11.87
CG MSE D 12 -0.13 -22.58 10.47
SE MSE D 12 -1.66 -22.35 9.36
CE MSE D 12 -2.73 -23.85 9.99
N ALA D 13 0.30 -20.64 13.91
CA ALA D 13 0.74 -19.28 14.21
C ALA D 13 1.86 -19.29 15.26
N MSE D 14 1.81 -20.28 16.15
CA MSE D 14 2.80 -20.41 17.21
C MSE D 14 4.15 -20.73 16.61
O MSE D 14 5.17 -20.13 16.97
CB MSE D 14 2.39 -21.50 18.20
CG MSE D 14 2.90 -21.25 19.62
SE MSE D 14 2.12 -19.65 20.44
CE MSE D 14 0.31 -20.19 20.31
N ASN D 15 4.18 -21.69 15.69
CA ASN D 15 5.45 -22.04 15.07
C ASN D 15 5.97 -20.91 14.18
N ALA D 16 5.07 -20.16 13.57
CA ALA D 16 5.46 -19.04 12.71
C ALA D 16 6.10 -17.96 13.58
N TRP D 17 5.56 -17.76 14.76
CA TRP D 17 6.07 -16.76 15.69
C TRP D 17 7.45 -17.19 16.15
N ALA D 18 7.57 -18.47 16.50
CA ALA D 18 8.81 -19.04 16.99
C ALA D 18 9.95 -19.12 15.98
N HIS D 19 9.59 -19.22 14.70
CA HIS D 19 10.57 -19.37 13.63
C HIS D 19 11.70 -18.34 13.53
N PRO D 20 11.38 -17.03 13.56
CA PRO D 20 12.46 -16.06 13.46
C PRO D 20 13.59 -16.17 14.49
N ASP D 21 13.26 -16.13 15.78
CA ASP D 21 14.29 -16.20 16.81
C ASP D 21 14.21 -17.36 17.79
N GLY D 22 13.40 -18.37 17.50
CA GLY D 22 13.28 -19.48 18.41
C GLY D 22 12.05 -19.36 19.29
N GLU D 23 11.67 -20.48 19.90
CA GLU D 23 10.51 -20.57 20.76
C GLU D 23 10.56 -19.76 22.07
N LYS D 24 11.74 -19.35 22.49
CA LYS D 24 11.86 -18.58 23.74
C LYS D 24 11.29 -17.17 23.72
N VAL D 25 11.30 -16.52 22.57
CA VAL D 25 10.75 -15.18 22.48
C VAL D 25 9.23 -15.29 22.74
N PRO D 26 8.54 -16.16 21.98
CA PRO D 26 7.10 -16.34 22.16
C PRO D 26 6.76 -16.72 23.61
N ALA D 27 7.63 -17.53 24.22
CA ALA D 27 7.42 -18.00 25.59
C ALA D 27 7.53 -16.86 26.60
N ALA D 28 8.59 -16.06 26.50
CA ALA D 28 8.77 -14.93 27.42
C ALA D 28 7.60 -13.97 27.23
N GLU D 29 7.21 -13.76 25.97
CA GLU D 29 6.12 -12.86 25.64
C GLU D 29 4.79 -13.33 26.25
N ILE D 30 4.48 -14.61 26.08
CA ILE D 30 3.22 -15.17 26.59
C ILE D 30 3.17 -15.22 28.12
N THR D 31 4.34 -15.34 28.73
CA THR D 31 4.47 -15.39 30.18
C THR D 31 4.09 -14.04 30.76
N ARG D 32 4.84 -13.02 30.36
CA ARG D 32 4.60 -11.65 30.80
C ARG D 32 3.12 -11.31 30.71
N ALA D 33 2.49 -11.67 29.59
CA ALA D 33 1.07 -11.40 29.41
C ALA D 33 0.27 -12.26 30.38
N TYR D 34 0.75 -13.48 30.58
CA TYR D 34 0.11 -14.45 31.47
C TYR D 34 0.01 -13.90 32.90
N PHE D 35 1.12 -13.34 33.38
CA PHE D 35 1.20 -12.81 34.73
C PHE D 35 0.65 -11.40 34.88
N GLU D 36 0.13 -10.84 33.79
CA GLU D 36 -0.42 -9.49 33.82
C GLU D 36 -1.92 -9.63 33.96
N LEU D 37 -2.44 -10.69 33.38
CA LEU D 37 -3.86 -10.96 33.44
C LEU D 37 -4.13 -11.80 34.68
N GLY D 38 -3.09 -11.96 35.50
CA GLY D 38 -3.21 -12.74 36.72
C GLY D 38 -3.86 -14.09 36.50
N MSE D 39 -3.32 -14.86 35.54
CA MSE D 39 -3.84 -16.20 35.22
C MSE D 39 -3.21 -17.27 36.12
O MSE D 39 -2.06 -17.14 36.54
CB MSE D 39 -3.55 -16.54 33.77
CG MSE D 39 -4.01 -15.46 32.77
SE MSE D 39 -3.83 -15.94 30.89
CE MSE D 39 -5.65 -16.45 30.53
N THR D 40 -3.97 -18.32 36.41
CA THR D 40 -3.49 -19.41 37.26
C THR D 40 -3.50 -20.74 36.51
N PHE D 41 -4.25 -20.76 35.40
CA PHE D 41 -4.34 -21.96 34.58
C PHE D 41 -4.12 -21.67 33.09
N PRO D 42 -3.25 -22.45 32.43
CA PRO D 42 -2.51 -23.56 33.04
C PRO D 42 -1.42 -22.96 33.92
N GLU D 43 -0.68 -23.81 34.63
CA GLU D 43 0.38 -23.33 35.50
C GLU D 43 1.64 -22.94 34.72
N LEU D 44 2.17 -21.76 35.01
CA LEU D 44 3.39 -21.29 34.37
C LEU D 44 4.41 -21.01 35.47
N TYR D 45 5.64 -20.68 35.09
CA TYR D 45 6.64 -20.42 36.11
C TYR D 45 6.97 -18.95 36.32
N ASP D 46 6.95 -18.58 37.59
CA ASP D 46 7.24 -17.24 38.08
C ASP D 46 8.67 -16.88 37.75
N ASP D 47 9.03 -15.61 37.83
CA ASP D 47 10.41 -15.24 37.57
C ASP D 47 11.23 -15.73 38.77
N SER D 48 10.53 -16.46 39.64
CA SER D 48 11.13 -17.05 40.83
C SER D 48 12.17 -18.06 40.36
N HIS D 49 11.68 -19.22 39.91
CA HIS D 49 12.53 -20.31 39.41
C HIS D 49 13.74 -19.84 38.62
N PRO D 50 14.91 -20.45 38.89
CA PRO D 50 16.14 -20.08 38.18
C PRO D 50 15.95 -20.21 36.66
N GLU D 51 15.43 -21.36 36.25
CA GLU D 51 15.17 -21.65 34.84
C GLU D 51 13.70 -21.37 34.51
N ALA D 52 13.28 -20.13 34.72
CA ALA D 52 11.89 -19.73 34.46
C ALA D 52 11.52 -19.85 32.98
N LEU D 53 12.18 -19.05 32.16
CA LEU D 53 11.97 -19.01 30.73
C LEU D 53 12.05 -20.42 30.13
N ALA D 54 13.27 -20.96 30.11
CA ALA D 54 13.54 -22.28 29.56
C ALA D 54 12.51 -23.35 29.94
N ARG D 55 12.06 -23.35 31.19
CA ARG D 55 11.08 -24.35 31.59
C ARG D 55 9.69 -24.07 31.03
N ASN D 56 9.35 -22.80 30.88
CA ASN D 56 8.04 -22.41 30.35
C ASN D 56 8.01 -22.71 28.85
N THR D 57 9.14 -22.44 28.19
CA THR D 57 9.26 -22.69 26.76
C THR D 57 8.96 -24.16 26.48
N GLN D 58 9.62 -25.05 27.20
CA GLN D 58 9.42 -26.49 27.03
C GLN D 58 7.95 -26.86 27.18
N LYS D 59 7.37 -26.47 28.31
CA LYS D 59 5.99 -26.76 28.63
C LYS D 59 4.94 -26.28 27.60
N ILE D 60 5.04 -25.01 27.19
CA ILE D 60 4.06 -24.46 26.27
C ILE D 60 4.08 -25.10 24.89
N PHE D 61 5.25 -25.19 24.29
CA PHE D 61 5.31 -25.79 22.97
C PHE D 61 5.09 -27.29 22.95
N ARG D 62 5.22 -27.91 24.12
CA ARG D 62 4.97 -29.33 24.20
C ARG D 62 3.45 -29.47 24.07
N TRP D 63 2.70 -28.50 24.60
CA TRP D 63 1.23 -28.58 24.50
C TRP D 63 0.76 -28.28 23.08
N VAL D 64 1.39 -27.28 22.46
CA VAL D 64 1.06 -26.89 21.11
C VAL D 64 1.28 -28.05 20.15
N GLU D 65 2.46 -28.67 20.24
CA GLU D 65 2.84 -29.80 19.39
C GLU D 65 1.97 -31.04 19.54
N LYS D 66 1.26 -31.19 20.65
CA LYS D 66 0.43 -32.37 20.86
C LYS D 66 -1.04 -32.17 20.52
N ASP D 67 -1.75 -33.27 20.37
CA ASP D 67 -3.17 -33.22 20.04
C ASP D 67 -4.05 -33.93 21.05
N THR D 68 -3.50 -34.19 22.22
CA THR D 68 -4.24 -34.84 23.27
C THR D 68 -5.18 -33.81 23.90
N PRO D 69 -6.39 -34.21 24.31
CA PRO D 69 -7.35 -33.27 24.92
C PRO D 69 -6.79 -32.37 26.01
N ASP D 70 -5.74 -32.83 26.70
CA ASP D 70 -5.13 -32.05 27.77
C ASP D 70 -4.23 -30.93 27.24
N ALA D 71 -3.51 -31.20 26.16
CA ALA D 71 -2.65 -30.20 25.57
C ALA D 71 -3.58 -29.15 24.98
N VAL D 72 -4.62 -29.62 24.31
CA VAL D 72 -5.60 -28.73 23.72
C VAL D 72 -6.22 -27.81 24.76
N GLU D 73 -6.70 -28.40 25.84
CA GLU D 73 -7.33 -27.62 26.90
C GLU D 73 -6.45 -26.49 27.44
N LYS D 74 -5.18 -26.79 27.66
CA LYS D 74 -4.26 -25.80 28.19
C LYS D 74 -3.89 -24.69 27.22
N ILE D 75 -3.88 -24.98 25.92
CA ILE D 75 -3.57 -23.93 24.97
C ILE D 75 -4.79 -23.03 24.84
N GLN D 76 -5.97 -23.60 24.96
CA GLN D 76 -7.20 -22.82 24.89
C GLN D 76 -7.25 -21.83 26.04
N ALA D 77 -6.89 -22.28 27.22
CA ALA D 77 -6.90 -21.40 28.38
C ALA D 77 -5.82 -20.34 28.23
N LEU D 78 -4.76 -20.68 27.51
CA LEU D 78 -3.65 -19.75 27.30
C LEU D 78 -3.91 -18.76 26.16
N LEU D 79 -4.94 -19.02 25.36
CA LEU D 79 -5.29 -18.15 24.24
C LEU D 79 -5.31 -16.66 24.59
N PRO D 80 -5.92 -16.30 25.74
CA PRO D 80 -5.97 -14.90 26.09
C PRO D 80 -4.60 -14.23 26.18
N ALA D 81 -3.62 -14.94 26.73
CA ALA D 81 -2.27 -14.41 26.90
C ALA D 81 -1.54 -14.41 25.56
N ILE D 82 -1.90 -15.36 24.71
CA ILE D 82 -1.30 -15.45 23.40
C ILE D 82 -1.79 -14.25 22.55
N GLU D 83 -3.10 -14.08 22.47
CA GLU D 83 -3.68 -12.97 21.69
C GLU D 83 -3.12 -11.61 22.10
N LYS D 84 -2.77 -11.47 23.36
CA LYS D 84 -2.26 -10.20 23.86
C LYS D 84 -0.81 -9.86 23.53
N SER D 85 0.02 -10.87 23.35
CA SER D 85 1.44 -10.66 23.07
C SER D 85 1.88 -11.02 21.68
N MSE D 86 1.06 -11.80 20.99
CA MSE D 86 1.37 -12.25 19.63
C MSE D 86 1.27 -11.13 18.58
O MSE D 86 0.32 -10.34 18.60
CB MSE D 86 0.45 -13.43 19.27
CG MSE D 86 0.63 -13.95 17.84
SE MSE D 86 -0.51 -15.45 17.35
CE MSE D 86 -2.13 -15.04 18.27
N PRO D 87 2.24 -11.06 17.65
CA PRO D 87 2.26 -10.03 16.59
C PRO D 87 0.90 -10.00 15.88
N PRO D 88 0.29 -8.80 15.79
CA PRO D 88 -1.02 -8.63 15.16
C PRO D 88 -1.25 -9.37 13.87
N LEU D 89 -0.25 -9.44 12.99
CA LEU D 89 -0.43 -10.12 11.72
C LEU D 89 -0.68 -11.62 11.94
N LEU D 90 0.10 -12.22 12.84
CA LEU D 90 -0.05 -13.63 13.12
C LEU D 90 -1.40 -13.89 13.76
N VAL D 91 -1.87 -12.94 14.57
CA VAL D 91 -3.17 -13.08 15.20
C VAL D 91 -4.25 -13.03 14.13
N ALA D 92 -4.14 -12.08 13.21
CA ALA D 92 -5.11 -11.94 12.13
C ALA D 92 -5.18 -13.27 11.39
N ARG D 93 -4.00 -13.76 11.00
CA ARG D 93 -3.89 -15.04 10.30
C ARG D 93 -4.49 -16.20 11.10
N MSE D 94 -4.15 -16.29 12.38
CA MSE D 94 -4.66 -17.35 13.23
C MSE D 94 -6.19 -17.36 13.30
O MSE D 94 -6.82 -18.41 13.33
CB MSE D 94 -4.08 -17.20 14.63
CG MSE D 94 -4.40 -18.34 15.58
SE MSE D 94 -3.86 -17.92 17.42
CE MSE D 94 -2.03 -18.43 17.32
N ARG D 95 -6.78 -16.17 13.32
CA ARG D 95 -8.24 -16.04 13.41
C ARG D 95 -8.99 -16.04 12.08
N SER D 96 -8.28 -15.96 10.96
CA SER D 96 -8.95 -15.95 9.66
C SER D 96 -9.59 -17.28 9.33
N HIS D 97 -9.10 -18.37 9.91
CA HIS D 97 -9.68 -19.68 9.64
C HIS D 97 -11.04 -19.79 10.33
N SER D 98 -11.27 -18.95 11.33
CA SER D 98 -12.51 -18.99 12.09
C SER D 98 -13.40 -17.78 11.86
N SER D 99 -12.85 -16.73 11.25
CA SER D 99 -13.61 -15.51 11.02
C SER D 99 -13.53 -14.92 9.60
N ALA D 100 -14.69 -14.57 9.05
CA ALA D 100 -14.79 -14.00 7.71
C ALA D 100 -14.14 -12.61 7.68
N TYR D 101 -14.21 -11.92 8.81
CA TYR D 101 -13.63 -10.59 8.94
C TYR D 101 -12.11 -10.62 8.85
N PHE D 102 -11.46 -11.44 9.68
CA PHE D 102 -10.02 -11.52 9.64
C PHE D 102 -9.52 -12.09 8.32
N ARG D 103 -10.31 -12.94 7.68
CA ARG D 103 -9.92 -13.49 6.37
C ARG D 103 -9.76 -12.34 5.38
N GLU D 104 -10.78 -11.49 5.35
CA GLU D 104 -10.81 -10.33 4.46
C GLU D 104 -9.70 -9.34 4.84
N LEU D 105 -9.53 -9.15 6.13
CA LEU D 105 -8.51 -8.25 6.66
C LEU D 105 -7.13 -8.71 6.20
N VAL D 106 -6.80 -9.98 6.41
CA VAL D 106 -5.50 -10.51 5.98
C VAL D 106 -5.39 -10.50 4.46
N GLU D 107 -6.49 -10.83 3.78
CA GLU D 107 -6.51 -10.84 2.33
C GLU D 107 -6.19 -9.45 1.78
N THR D 108 -6.67 -8.41 2.45
CA THR D 108 -6.39 -7.08 1.95
C THR D 108 -4.94 -6.70 2.12
N ARG D 109 -4.27 -7.17 3.17
CA ARG D 109 -2.86 -6.81 3.35
C ARG D 109 -2.04 -7.55 2.31
N GLU D 110 -2.45 -8.78 2.01
CA GLU D 110 -1.72 -9.54 0.99
C GLU D 110 -1.81 -8.77 -0.31
N ARG D 111 -2.95 -8.15 -0.55
CA ARG D 111 -3.13 -7.38 -1.77
C ARG D 111 -2.30 -6.11 -1.77
N LEU D 112 -2.23 -5.43 -0.61
CA LEU D 112 -1.41 -4.22 -0.51
C LEU D 112 0.06 -4.53 -0.75
N VAL D 113 0.48 -5.71 -0.30
CA VAL D 113 1.86 -6.18 -0.44
C VAL D 113 2.18 -6.57 -1.89
N ARG D 114 1.20 -7.13 -2.61
CA ARG D 114 1.46 -7.47 -4.02
C ARG D 114 1.60 -6.17 -4.80
N ASP D 115 0.76 -5.19 -4.47
CA ASP D 115 0.87 -3.90 -5.15
C ASP D 115 2.29 -3.38 -4.95
N ALA D 116 2.75 -3.40 -3.70
CA ALA D 116 4.09 -2.92 -3.36
C ALA D 116 5.12 -3.58 -4.24
N ASP D 117 5.01 -4.90 -4.39
CA ASP D 117 5.96 -5.61 -5.23
C ASP D 117 5.78 -5.31 -6.73
N ASP D 118 4.57 -4.93 -7.12
CA ASP D 118 4.32 -4.60 -8.52
C ASP D 118 5.03 -3.29 -8.82
N PHE D 119 5.15 -2.45 -7.80
CA PHE D 119 5.83 -1.19 -7.96
C PHE D 119 7.29 -1.51 -8.29
N VAL D 120 7.91 -2.39 -7.50
CA VAL D 120 9.29 -2.77 -7.73
C VAL D 120 9.47 -3.35 -9.13
N ALA D 121 8.54 -4.23 -9.51
CA ALA D 121 8.58 -4.87 -10.83
C ALA D 121 8.64 -3.80 -11.92
N VAL D 122 7.80 -2.77 -11.81
CA VAL D 122 7.79 -1.71 -12.81
C VAL D 122 9.09 -0.89 -12.77
N ALA D 123 9.52 -0.52 -11.57
CA ALA D 123 10.72 0.28 -11.41
C ALA D 123 11.94 -0.42 -11.98
N ILE D 124 11.91 -1.76 -12.03
CA ILE D 124 13.03 -2.47 -12.60
C ILE D 124 12.75 -2.76 -14.08
N ALA D 125 11.50 -3.08 -14.40
CA ALA D 125 11.15 -3.34 -15.80
C ALA D 125 11.56 -2.12 -16.64
N GLY D 126 11.98 -1.07 -15.94
CA GLY D 126 12.42 0.15 -16.59
C GLY D 126 13.92 0.19 -16.84
N PHE D 127 14.69 -0.66 -16.15
CA PHE D 127 16.14 -0.66 -16.38
C PHE D 127 16.37 -1.08 -17.84
N ASN D 128 15.34 -1.68 -18.44
CA ASN D 128 15.41 -2.09 -19.83
C ASN D 128 15.77 -0.94 -20.75
N GLN D 129 15.17 0.22 -20.51
CA GLN D 129 15.45 1.41 -21.32
C GLN D 129 16.57 2.30 -20.80
N MSE D 130 16.76 2.33 -19.48
CA MSE D 130 17.80 3.15 -18.86
C MSE D 130 17.30 4.58 -18.63
O MSE D 130 16.14 4.86 -19.01
CB MSE D 130 19.07 3.18 -19.72
CG MSE D 130 19.66 1.83 -20.06
SE MSE D 130 20.42 0.90 -18.54
CE MSE D 130 21.88 2.11 -18.15
#